data_1LBJ
#
_entry.id   1LBJ
#
_entity_poly.entity_id   1
_entity_poly.type   'polypeptide(L)'
_entity_poly.pdbx_seq_one_letter_code
;FVPIFTYGELQRMQEKERNKGQ
;
_entity_poly.pdbx_strand_id   A
#
# COMPACT_ATOMS: atom_id res chain seq x y z
N PHE A 1 4.26 6.10 -11.09
CA PHE A 1 4.71 5.96 -9.69
C PHE A 1 6.21 5.71 -9.61
N VAL A 2 6.81 6.03 -8.46
CA VAL A 2 8.18 5.66 -8.14
C VAL A 2 8.11 4.28 -7.48
N PRO A 3 8.81 3.25 -7.96
CA PRO A 3 8.77 1.93 -7.37
C PRO A 3 9.66 1.86 -6.13
N ILE A 4 9.41 2.74 -5.15
CA ILE A 4 10.25 3.02 -3.99
C ILE A 4 10.82 1.76 -3.34
N PHE A 5 9.92 0.86 -2.96
CA PHE A 5 10.25 -0.49 -2.56
C PHE A 5 9.31 -1.42 -3.34
N THR A 6 9.08 -1.05 -4.61
CA THR A 6 8.06 -1.64 -5.47
C THR A 6 6.71 -1.06 -5.07
N TYR A 7 6.15 -0.17 -5.90
CA TYR A 7 4.93 0.57 -5.59
C TYR A 7 3.80 -0.35 -5.12
N GLY A 8 3.66 -1.51 -5.77
CA GLY A 8 2.70 -2.53 -5.40
C GLY A 8 2.70 -2.81 -3.89
N GLU A 9 3.89 -2.89 -3.28
CA GLU A 9 4.02 -3.15 -1.85
C GLU A 9 3.47 -1.98 -1.05
N LEU A 10 3.83 -0.75 -1.44
CA LEU A 10 3.29 0.45 -0.79
C LEU A 10 1.77 0.45 -0.88
N GLN A 11 1.24 0.20 -2.09
CA GLN A 11 -0.20 0.17 -2.31
C GLN A 11 -0.82 -0.92 -1.43
N ARG A 12 -0.23 -2.11 -1.38
CA ARG A 12 -0.71 -3.17 -0.50
C ARG A 12 -0.75 -2.68 0.95
N MET A 13 0.35 -2.10 1.45
CA MET A 13 0.42 -1.58 2.81
C MET A 13 -0.71 -0.58 3.04
N GLN A 14 -0.83 0.44 2.18
CA GLN A 14 -1.90 1.41 2.22
C GLN A 14 -3.26 0.72 2.31
N GLU A 15 -3.51 -0.23 1.39
CA GLU A 15 -4.76 -0.95 1.30
C GLU A 15 -5.05 -1.69 2.60
N LYS A 16 -4.03 -2.32 3.20
CA LYS A 16 -4.19 -3.01 4.46
C LYS A 16 -4.46 -2.03 5.60
N GLU A 17 -3.75 -0.90 5.64
CA GLU A 17 -4.04 0.14 6.62
C GLU A 17 -5.50 0.59 6.50
N ARG A 18 -5.96 0.84 5.28
CA ARG A 18 -7.37 1.16 5.03
C ARG A 18 -8.27 0.02 5.51
N ASN A 19 -7.94 -1.24 5.18
CA ASN A 19 -8.70 -2.41 5.59
C ASN A 19 -8.87 -2.43 7.11
N LYS A 20 -7.80 -2.13 7.86
CA LYS A 20 -7.87 -2.06 9.31
C LYS A 20 -8.72 -0.85 9.75
N GLY A 21 -8.45 0.32 9.16
CA GLY A 21 -9.07 1.57 9.57
C GLY A 21 -10.59 1.58 9.34
N GLN A 22 -11.02 1.22 8.14
CA GLN A 22 -12.42 1.22 7.75
C GLN A 22 -13.13 0.01 8.37
N PHE A 1 3.84 7.64 -9.39
CA PHE A 1 4.28 6.24 -9.24
C PHE A 1 5.80 6.17 -9.13
N VAL A 2 6.32 5.62 -8.03
CA VAL A 2 7.74 5.35 -7.84
C VAL A 2 7.81 3.95 -7.23
N PRO A 3 8.51 2.97 -7.85
CA PRO A 3 8.54 1.61 -7.35
C PRO A 3 9.55 1.47 -6.21
N ILE A 4 9.42 2.30 -5.16
CA ILE A 4 10.40 2.47 -4.09
C ILE A 4 10.97 1.15 -3.57
N PHE A 5 10.07 0.27 -3.17
CA PHE A 5 10.37 -1.13 -2.89
C PHE A 5 9.32 -1.95 -3.63
N THR A 6 9.01 -1.52 -4.85
CA THR A 6 7.91 -2.01 -5.67
C THR A 6 6.60 -1.46 -5.13
N TYR A 7 6.01 -0.50 -5.85
CA TYR A 7 4.88 0.28 -5.34
C TYR A 7 3.73 -0.62 -4.92
N GLY A 8 3.53 -1.76 -5.58
CA GLY A 8 2.55 -2.77 -5.19
C GLY A 8 2.54 -3.05 -3.69
N GLU A 9 3.72 -3.09 -3.06
CA GLU A 9 3.82 -3.32 -1.62
C GLU A 9 3.20 -2.15 -0.86
N LEU A 10 3.63 -0.93 -1.18
CA LEU A 10 3.14 0.30 -0.59
C LEU A 10 1.62 0.38 -0.78
N GLN A 11 1.14 0.08 -1.99
CA GLN A 11 -0.26 0.04 -2.32
C GLN A 11 -0.97 -0.96 -1.42
N ARG A 12 -0.47 -2.19 -1.30
CA ARG A 12 -1.06 -3.18 -0.41
C ARG A 12 -1.13 -2.63 1.02
N MET A 13 -0.07 -1.98 1.50
CA MET A 13 -0.08 -1.33 2.80
C MET A 13 -1.23 -0.32 2.88
N GLN A 14 -1.38 0.57 1.88
CA GLN A 14 -2.50 1.50 1.82
C GLN A 14 -3.83 0.74 1.95
N GLU A 15 -4.03 -0.33 1.17
CA GLU A 15 -5.24 -1.12 1.25
C GLU A 15 -5.45 -1.66 2.66
N LYS A 16 -4.41 -2.23 3.29
CA LYS A 16 -4.50 -2.73 4.65
C LYS A 16 -4.91 -1.62 5.63
N GLU A 17 -4.26 -0.46 5.54
CA GLU A 17 -4.59 0.68 6.40
C GLU A 17 -6.05 1.08 6.22
N ARG A 18 -6.47 1.29 4.96
CA ARG A 18 -7.85 1.64 4.65
C ARG A 18 -8.81 0.58 5.19
N ASN A 19 -8.48 -0.70 4.99
CA ASN A 19 -9.29 -1.83 5.42
C ASN A 19 -9.48 -1.82 6.95
N LYS A 20 -8.39 -1.73 7.72
CA LYS A 20 -8.52 -1.72 9.17
C LYS A 20 -9.24 -0.45 9.64
N GLY A 21 -8.99 0.69 8.98
CA GLY A 21 -9.65 1.95 9.30
C GLY A 21 -11.16 1.84 9.11
N GLN A 22 -11.59 1.46 7.91
CA GLN A 22 -12.98 1.35 7.48
C GLN A 22 -13.90 2.41 8.09
N PHE A 1 7.52 9.30 -10.40
CA PHE A 1 7.39 7.85 -10.66
C PHE A 1 8.65 7.12 -10.21
N VAL A 2 8.51 6.14 -9.32
CA VAL A 2 9.59 5.27 -8.85
C VAL A 2 8.96 4.09 -8.10
N PRO A 3 9.16 2.83 -8.54
CA PRO A 3 8.62 1.67 -7.85
C PRO A 3 9.49 1.35 -6.62
N ILE A 4 9.60 2.30 -5.69
CA ILE A 4 10.53 2.30 -4.56
C ILE A 4 10.62 0.95 -3.86
N PHE A 5 9.47 0.46 -3.44
CA PHE A 5 9.33 -0.86 -2.81
C PHE A 5 8.44 -1.73 -3.69
N THR A 6 8.25 -1.34 -4.96
CA THR A 6 7.24 -1.90 -5.84
C THR A 6 5.86 -1.49 -5.31
N TYR A 7 5.19 -0.59 -6.04
CA TYR A 7 3.91 0.04 -5.65
C TYR A 7 2.93 -0.91 -4.98
N GLY A 8 2.85 -2.14 -5.49
CA GLY A 8 2.06 -3.24 -4.94
C GLY A 8 2.12 -3.30 -3.41
N GLU A 9 3.31 -3.16 -2.82
CA GLU A 9 3.46 -3.19 -1.38
C GLU A 9 2.65 -2.07 -0.73
N LEU A 10 2.79 -0.84 -1.25
CA LEU A 10 2.04 0.31 -0.75
C LEU A 10 0.55 0.08 -0.97
N GLN A 11 0.15 -0.52 -2.09
CA GLN A 11 -1.26 -0.83 -2.31
C GLN A 11 -1.76 -1.77 -1.22
N ARG A 12 -1.05 -2.87 -0.98
CA ARG A 12 -1.40 -3.82 0.05
C ARG A 12 -1.50 -3.12 1.41
N MET A 13 -0.50 -2.31 1.76
CA MET A 13 -0.51 -1.55 3.00
C MET A 13 -1.76 -0.66 3.09
N GLN A 14 -2.08 0.07 2.02
CA GLN A 14 -3.28 0.90 1.96
C GLN A 14 -4.53 0.05 2.20
N GLU A 15 -4.64 -1.07 1.48
CA GLU A 15 -5.76 -1.99 1.61
C GLU A 15 -5.90 -2.46 3.07
N LYS A 16 -4.79 -2.90 3.69
CA LYS A 16 -4.78 -3.30 5.08
C LYS A 16 -5.24 -2.16 5.99
N GLU A 17 -4.66 -0.96 5.81
CA GLU A 17 -5.03 0.22 6.57
C GLU A 17 -6.54 0.44 6.49
N ARG A 18 -7.10 0.44 5.28
CA ARG A 18 -8.52 0.67 5.09
C ARG A 18 -9.37 -0.46 5.68
N ASN A 19 -8.93 -1.70 5.50
CA ASN A 19 -9.60 -2.85 6.10
C ASN A 19 -9.67 -2.71 7.62
N LYS A 20 -8.58 -2.29 8.25
CA LYS A 20 -8.55 -2.03 9.68
C LYS A 20 -9.47 -0.84 10.01
N GLY A 21 -9.14 0.35 9.52
CA GLY A 21 -9.90 1.57 9.78
C GLY A 21 -11.13 1.65 8.88
N GLN A 22 -11.95 0.62 8.89
CA GLN A 22 -13.10 0.50 8.00
C GLN A 22 -14.15 1.57 8.34
N PHE A 1 6.39 6.22 -11.30
CA PHE A 1 6.00 4.99 -10.57
C PHE A 1 6.60 4.95 -9.17
N VAL A 2 7.88 5.31 -9.05
CA VAL A 2 8.60 5.44 -7.78
C VAL A 2 8.53 4.13 -6.98
N PRO A 3 9.28 3.09 -7.38
CA PRO A 3 9.16 1.77 -6.78
C PRO A 3 9.91 1.67 -5.45
N ILE A 4 9.58 2.54 -4.49
CA ILE A 4 10.28 2.68 -3.20
C ILE A 4 10.62 1.35 -2.55
N PHE A 5 9.60 0.51 -2.40
CA PHE A 5 9.75 -0.90 -2.06
C PHE A 5 8.86 -1.69 -3.01
N THR A 6 8.78 -1.19 -4.25
CA THR A 6 7.82 -1.62 -5.28
C THR A 6 6.48 -0.93 -4.99
N TYR A 7 6.11 0.03 -5.84
CA TYR A 7 4.98 0.92 -5.60
C TYR A 7 3.69 0.13 -5.36
N GLY A 8 3.49 -0.93 -6.14
CA GLY A 8 2.41 -1.88 -5.96
C GLY A 8 2.26 -2.33 -4.50
N GLU A 9 3.38 -2.64 -3.84
CA GLU A 9 3.36 -3.07 -2.45
C GLU A 9 2.97 -1.93 -1.53
N LEU A 10 3.35 -0.69 -1.84
CA LEU A 10 2.85 0.47 -1.09
C LEU A 10 1.35 0.63 -1.31
N GLN A 11 0.83 0.29 -2.49
CA GLN A 11 -0.61 0.36 -2.74
C GLN A 11 -1.32 -0.72 -1.92
N ARG A 12 -0.78 -1.94 -1.94
CA ARG A 12 -1.25 -3.03 -1.10
C ARG A 12 -1.24 -2.62 0.37
N MET A 13 -0.13 -2.07 0.85
CA MET A 13 0.01 -1.59 2.22
C MET A 13 -1.11 -0.61 2.54
N GLN A 14 -1.26 0.45 1.75
CA GLN A 14 -2.35 1.41 1.91
C GLN A 14 -3.69 0.67 1.98
N GLU A 15 -3.95 -0.24 1.03
CA GLU A 15 -5.19 -0.99 0.94
C GLU A 15 -5.48 -1.68 2.27
N LYS A 16 -4.49 -2.38 2.84
CA LYS A 16 -4.65 -3.00 4.15
C LYS A 16 -4.88 -1.94 5.23
N GLU A 17 -4.05 -0.89 5.25
CA GLU A 17 -4.13 0.15 6.27
C GLU A 17 -5.52 0.76 6.38
N ARG A 18 -6.27 0.86 5.28
CA ARG A 18 -7.67 1.27 5.30
C ARG A 18 -8.44 0.59 6.45
N ASN A 19 -8.14 -0.69 6.72
CA ASN A 19 -8.84 -1.46 7.74
C ASN A 19 -8.75 -0.82 9.13
N LYS A 20 -7.70 -0.06 9.42
CA LYS A 20 -7.61 0.67 10.69
C LYS A 20 -8.66 1.79 10.73
N GLY A 21 -8.98 2.37 9.57
CA GLY A 21 -10.04 3.36 9.45
C GLY A 21 -11.41 2.69 9.51
N GLN A 22 -11.54 1.55 8.83
CA GLN A 22 -12.76 0.75 8.82
C GLN A 22 -13.24 0.44 10.24
N PHE A 1 8.71 8.36 -11.75
CA PHE A 1 8.43 7.35 -10.72
C PHE A 1 9.66 6.46 -10.49
N VAL A 2 9.76 5.85 -9.31
CA VAL A 2 10.81 4.92 -8.93
C VAL A 2 10.12 3.80 -8.15
N PRO A 3 10.41 2.51 -8.42
CA PRO A 3 9.69 1.39 -7.81
C PRO A 3 10.14 1.14 -6.36
N ILE A 4 10.12 2.17 -5.51
CA ILE A 4 10.58 2.11 -4.12
C ILE A 4 10.10 0.88 -3.38
N PHE A 5 8.78 0.69 -3.39
CA PHE A 5 8.11 -0.51 -2.91
C PHE A 5 7.24 -1.02 -4.07
N THR A 6 7.79 -0.87 -5.29
CA THR A 6 7.21 -1.38 -6.54
C THR A 6 5.77 -0.90 -6.78
N TYR A 7 5.35 0.20 -6.13
CA TYR A 7 4.00 0.71 -6.02
C TYR A 7 3.08 -0.27 -5.27
N GLY A 8 2.94 -1.47 -5.82
CA GLY A 8 2.06 -2.54 -5.36
C GLY A 8 2.12 -2.76 -3.86
N GLU A 9 3.31 -2.73 -3.26
CA GLU A 9 3.44 -2.95 -1.83
C GLU A 9 2.81 -1.79 -1.06
N LEU A 10 3.01 -0.56 -1.56
CA LEU A 10 2.45 0.65 -0.98
C LEU A 10 0.93 0.62 -1.13
N GLN A 11 0.43 0.19 -2.29
CA GLN A 11 -0.99 -0.01 -2.50
C GLN A 11 -1.52 -1.03 -1.48
N ARG A 12 -0.86 -2.18 -1.34
CA ARG A 12 -1.25 -3.20 -0.38
C ARG A 12 -1.27 -2.62 1.04
N MET A 13 -0.25 -1.85 1.41
CA MET A 13 -0.21 -1.20 2.73
C MET A 13 -1.43 -0.30 2.90
N GLN A 14 -1.70 0.59 1.94
CA GLN A 14 -2.88 1.46 1.99
C GLN A 14 -4.17 0.63 2.11
N GLU A 15 -4.29 -0.43 1.31
CA GLU A 15 -5.42 -1.35 1.34
C GLU A 15 -5.63 -1.89 2.76
N LYS A 16 -4.56 -2.44 3.36
CA LYS A 16 -4.60 -2.94 4.72
C LYS A 16 -5.05 -1.84 5.68
N GLU A 17 -4.36 -0.69 5.67
CA GLU A 17 -4.65 0.43 6.54
C GLU A 17 -6.13 0.83 6.44
N ARG A 18 -6.63 1.09 5.22
CA ARG A 18 -8.01 1.51 5.06
C ARG A 18 -8.98 0.40 5.46
N ASN A 19 -8.61 -0.88 5.27
CA ASN A 19 -9.43 -1.99 5.75
C ASN A 19 -9.49 -1.97 7.29
N LYS A 20 -8.36 -1.75 7.94
CA LYS A 20 -8.27 -1.71 9.40
C LYS A 20 -9.01 -0.49 9.96
N GLY A 21 -8.96 0.64 9.26
CA GLY A 21 -9.54 1.91 9.70
C GLY A 21 -11.07 1.94 9.63
N GLN A 22 -11.73 1.01 10.33
CA GLN A 22 -13.18 0.96 10.53
C GLN A 22 -13.46 1.12 12.03
N PHE A 1 6.11 4.97 -12.24
CA PHE A 1 6.28 5.31 -10.82
C PHE A 1 7.71 5.03 -10.35
N VAL A 2 8.19 5.80 -9.37
CA VAL A 2 9.45 5.48 -8.71
C VAL A 2 9.22 4.24 -7.83
N PRO A 3 9.93 3.13 -8.02
CA PRO A 3 9.60 1.85 -7.40
C PRO A 3 10.09 1.77 -5.95
N ILE A 4 9.83 2.78 -5.12
CA ILE A 4 10.32 2.85 -3.74
C ILE A 4 10.09 1.55 -2.96
N PHE A 5 8.84 1.09 -2.97
CA PHE A 5 8.42 -0.23 -2.52
C PHE A 5 7.65 -0.84 -3.69
N THR A 6 8.20 -0.65 -4.89
CA THR A 6 7.69 -1.20 -6.15
C THR A 6 6.23 -0.79 -6.43
N TYR A 7 5.76 0.28 -5.80
CA TYR A 7 4.37 0.74 -5.73
C TYR A 7 3.45 -0.27 -5.04
N GLY A 8 3.37 -1.46 -5.60
CA GLY A 8 2.48 -2.54 -5.18
C GLY A 8 2.50 -2.75 -3.67
N GLU A 9 3.70 -2.82 -3.06
CA GLU A 9 3.83 -3.05 -1.63
C GLU A 9 3.21 -1.88 -0.87
N LEU A 10 3.49 -0.65 -1.31
CA LEU A 10 2.97 0.56 -0.69
C LEU A 10 1.45 0.54 -0.78
N GLN A 11 0.90 0.29 -1.98
CA GLN A 11 -0.55 0.22 -2.15
C GLN A 11 -1.15 -0.88 -1.28
N ARG A 12 -0.49 -2.05 -1.19
CA ARG A 12 -0.95 -3.13 -0.33
C ARG A 12 -1.01 -2.65 1.13
N MET A 13 0.08 -2.05 1.62
CA MET A 13 0.11 -1.49 2.98
C MET A 13 -1.04 -0.50 3.17
N GLN A 14 -1.17 0.47 2.24
CA GLN A 14 -2.24 1.45 2.24
C GLN A 14 -3.60 0.75 2.36
N GLU A 15 -3.83 -0.26 1.51
CA GLU A 15 -5.07 -1.02 1.48
C GLU A 15 -5.33 -1.60 2.87
N LYS A 16 -4.36 -2.30 3.44
CA LYS A 16 -4.48 -2.85 4.78
C LYS A 16 -4.81 -1.75 5.80
N GLU A 17 -4.08 -0.63 5.76
CA GLU A 17 -4.31 0.48 6.65
C GLU A 17 -5.76 0.96 6.57
N ARG A 18 -6.26 1.34 5.38
CA ARG A 18 -7.63 1.83 5.28
C ARG A 18 -8.64 0.73 5.63
N ASN A 19 -8.38 -0.51 5.21
CA ASN A 19 -9.23 -1.67 5.49
C ASN A 19 -9.44 -1.84 7.00
N LYS A 20 -8.35 -1.76 7.77
CA LYS A 20 -8.38 -2.06 9.20
C LYS A 20 -8.62 -0.78 10.01
N GLY A 21 -7.76 0.23 9.84
CA GLY A 21 -7.87 1.51 10.49
C GLY A 21 -8.94 2.37 9.81
N GLN A 22 -10.19 1.89 9.83
CA GLN A 22 -11.32 2.58 9.22
C GLN A 22 -11.59 3.90 9.95
N PHE A 1 3.98 5.05 -11.02
CA PHE A 1 4.69 3.93 -10.38
C PHE A 1 6.07 4.39 -9.91
N VAL A 2 6.33 4.34 -8.61
CA VAL A 2 7.63 4.68 -8.03
C VAL A 2 8.23 3.40 -7.44
N PRO A 3 9.39 2.93 -7.91
CA PRO A 3 10.00 1.71 -7.42
C PRO A 3 10.70 1.95 -6.08
N ILE A 4 9.97 2.41 -5.06
CA ILE A 4 10.53 2.65 -3.73
C ILE A 4 10.86 1.32 -3.05
N PHE A 5 9.82 0.59 -2.69
CA PHE A 5 9.89 -0.80 -2.25
C PHE A 5 9.20 -1.68 -3.29
N THR A 6 8.99 -1.15 -4.49
CA THR A 6 8.14 -1.70 -5.55
C THR A 6 6.71 -1.19 -5.30
N TYR A 7 6.30 -0.15 -6.03
CA TYR A 7 5.05 0.59 -5.83
C TYR A 7 3.88 -0.27 -5.38
N GLY A 8 3.67 -1.38 -6.10
CA GLY A 8 2.63 -2.37 -5.81
C GLY A 8 2.49 -2.66 -4.32
N GLU A 9 3.58 -3.02 -3.63
CA GLU A 9 3.46 -3.37 -2.22
C GLU A 9 3.12 -2.16 -1.38
N LEU A 10 3.62 -0.96 -1.72
CA LEU A 10 3.26 0.24 -0.99
C LEU A 10 1.77 0.53 -1.16
N GLN A 11 1.23 0.33 -2.36
CA GLN A 11 -0.20 0.42 -2.59
C GLN A 11 -0.93 -0.61 -1.74
N ARG A 12 -0.51 -1.88 -1.75
CA ARG A 12 -1.17 -2.90 -0.93
C ARG A 12 -1.10 -2.56 0.56
N MET A 13 0.02 -2.04 1.04
CA MET A 13 0.16 -1.58 2.42
C MET A 13 -0.88 -0.50 2.71
N GLN A 14 -0.98 0.52 1.85
CA GLN A 14 -2.03 1.53 1.99
C GLN A 14 -3.42 0.90 2.00
N GLU A 15 -3.71 -0.02 1.07
CA GLU A 15 -5.00 -0.69 0.99
C GLU A 15 -5.30 -1.41 2.31
N LYS A 16 -4.34 -2.18 2.83
CA LYS A 16 -4.49 -2.89 4.09
C LYS A 16 -4.75 -1.89 5.23
N GLU A 17 -3.95 -0.82 5.29
CA GLU A 17 -4.11 0.22 6.29
C GLU A 17 -5.54 0.78 6.25
N ARG A 18 -6.02 1.11 5.04
CA ARG A 18 -7.37 1.60 4.84
C ARG A 18 -8.37 0.55 5.34
N ASN A 19 -8.21 -0.71 4.91
CA ASN A 19 -9.06 -1.83 5.29
C ASN A 19 -9.16 -1.93 6.81
N LYS A 20 -8.04 -1.80 7.52
CA LYS A 20 -8.04 -1.81 8.97
C LYS A 20 -8.77 -0.57 9.50
N GLY A 21 -8.42 0.61 8.98
CA GLY A 21 -9.02 1.87 9.35
C GLY A 21 -10.42 2.03 8.75
N GLN A 22 -11.34 1.14 9.12
CA GLN A 22 -12.73 1.21 8.70
C GLN A 22 -13.38 2.51 9.19
N PHE A 1 3.23 3.91 -11.05
CA PHE A 1 4.25 3.05 -10.42
C PHE A 1 5.53 3.84 -10.15
N VAL A 2 6.19 3.56 -9.02
CA VAL A 2 7.48 4.12 -8.66
C VAL A 2 8.28 3.01 -7.96
N PRO A 3 9.55 2.77 -8.33
CA PRO A 3 10.38 1.79 -7.66
C PRO A 3 10.94 2.36 -6.35
N ILE A 4 10.05 2.73 -5.43
CA ILE A 4 10.43 3.15 -4.08
C ILE A 4 10.82 1.89 -3.29
N PHE A 5 9.80 1.16 -2.85
CA PHE A 5 9.92 -0.18 -2.29
C PHE A 5 9.15 -1.09 -3.24
N THR A 6 9.12 -0.73 -4.53
CA THR A 6 8.23 -1.29 -5.53
C THR A 6 6.81 -0.89 -5.17
N TYR A 7 6.35 0.27 -5.67
CA TYR A 7 5.08 0.93 -5.31
C TYR A 7 3.94 -0.02 -4.93
N GLY A 8 3.71 -1.07 -5.71
CA GLY A 8 2.69 -2.08 -5.44
C GLY A 8 2.67 -2.54 -3.98
N GLU A 9 3.86 -2.72 -3.38
CA GLU A 9 4.03 -3.05 -1.97
C GLU A 9 3.39 -1.97 -1.09
N LEU A 10 3.77 -0.71 -1.32
CA LEU A 10 3.25 0.41 -0.56
C LEU A 10 1.74 0.51 -0.73
N GLN A 11 1.25 0.30 -1.96
CA GLN A 11 -0.17 0.27 -2.22
C GLN A 11 -0.83 -0.83 -1.37
N ARG A 12 -0.27 -2.03 -1.34
CA ARG A 12 -0.81 -3.12 -0.53
C ARG A 12 -0.78 -2.78 0.97
N MET A 13 0.31 -2.18 1.46
CA MET A 13 0.36 -1.69 2.83
C MET A 13 -0.79 -0.70 3.07
N GLN A 14 -0.98 0.25 2.16
CA GLN A 14 -2.09 1.21 2.25
C GLN A 14 -3.44 0.47 2.28
N GLU A 15 -3.66 -0.49 1.37
CA GLU A 15 -4.87 -1.28 1.34
C GLU A 15 -5.08 -1.94 2.71
N LYS A 16 -4.06 -2.61 3.25
CA LYS A 16 -4.16 -3.27 4.54
C LYS A 16 -4.45 -2.26 5.66
N GLU A 17 -3.83 -1.08 5.62
CA GLU A 17 -4.16 -0.02 6.57
C GLU A 17 -5.64 0.32 6.46
N ARG A 18 -6.12 0.64 5.26
CA ARG A 18 -7.53 0.96 5.04
C ARG A 18 -8.46 -0.20 5.43
N ASN A 19 -8.01 -1.45 5.31
CA ASN A 19 -8.76 -2.61 5.80
C ASN A 19 -9.11 -2.43 7.27
N LYS A 20 -8.23 -1.80 8.06
CA LYS A 20 -8.47 -1.51 9.47
C LYS A 20 -9.19 -0.16 9.61
N GLY A 21 -8.61 0.89 9.02
CA GLY A 21 -9.09 2.26 9.14
C GLY A 21 -10.54 2.42 8.69
N GLN A 22 -10.90 1.81 7.55
CA GLN A 22 -12.25 1.77 7.02
C GLN A 22 -12.85 3.18 6.92
N PHE A 1 6.13 6.00 -11.45
CA PHE A 1 6.29 5.76 -10.01
C PHE A 1 7.73 5.35 -9.68
N VAL A 2 8.15 5.58 -8.43
CA VAL A 2 9.41 5.07 -7.90
C VAL A 2 9.09 3.79 -7.11
N PRO A 3 9.58 2.60 -7.53
CA PRO A 3 9.22 1.35 -6.88
C PRO A 3 10.03 1.13 -5.60
N ILE A 4 10.02 2.10 -4.68
CA ILE A 4 10.89 2.14 -3.51
C ILE A 4 10.89 0.85 -2.69
N PHE A 5 9.69 0.32 -2.40
CA PHE A 5 9.49 -0.98 -1.78
C PHE A 5 8.71 -1.87 -2.74
N THR A 6 8.73 -1.54 -4.04
CA THR A 6 7.86 -2.10 -5.07
C THR A 6 6.53 -1.34 -5.00
N TYR A 7 6.22 -0.56 -6.03
CA TYR A 7 5.06 0.30 -6.04
C TYR A 7 3.76 -0.47 -5.76
N GLY A 8 3.67 -1.69 -6.27
CA GLY A 8 2.59 -2.62 -5.97
C GLY A 8 2.42 -2.79 -4.45
N GLU A 9 3.53 -2.97 -3.71
CA GLU A 9 3.46 -3.09 -2.27
C GLU A 9 3.04 -1.75 -1.67
N LEU A 10 3.58 -0.65 -2.18
CA LEU A 10 3.21 0.69 -1.71
C LEU A 10 1.68 0.90 -1.82
N GLN A 11 1.07 0.45 -2.91
CA GLN A 11 -0.38 0.44 -3.02
C GLN A 11 -1.02 -0.57 -2.06
N ARG A 12 -0.47 -1.78 -1.97
CA ARG A 12 -1.02 -2.76 -1.03
C ARG A 12 -1.05 -2.23 0.40
N MET A 13 -0.03 -1.47 0.83
CA MET A 13 -0.02 -0.84 2.14
C MET A 13 -1.25 0.06 2.31
N GLN A 14 -1.59 0.86 1.30
CA GLN A 14 -2.78 1.70 1.33
C GLN A 14 -4.03 0.84 1.49
N GLU A 15 -4.14 -0.22 0.67
CA GLU A 15 -5.27 -1.13 0.76
C GLU A 15 -5.38 -1.69 2.19
N LYS A 16 -4.25 -2.14 2.73
CA LYS A 16 -4.15 -2.76 4.03
C LYS A 16 -4.58 -1.78 5.12
N GLU A 17 -4.02 -0.56 5.16
CA GLU A 17 -4.41 0.38 6.21
C GLU A 17 -5.88 0.75 6.08
N ARG A 18 -6.38 0.93 4.84
CA ARG A 18 -7.81 1.17 4.66
C ARG A 18 -8.60 0.00 5.23
N ASN A 19 -8.24 -1.23 4.88
CA ASN A 19 -8.92 -2.43 5.38
C ASN A 19 -8.88 -2.47 6.91
N LYS A 20 -7.73 -2.11 7.51
CA LYS A 20 -7.60 -2.03 8.96
C LYS A 20 -8.60 -1.02 9.50
N GLY A 21 -8.73 0.15 8.86
CA GLY A 21 -9.73 1.16 9.19
C GLY A 21 -11.13 0.75 8.72
N GLN A 22 -11.56 -0.47 9.06
CA GLN A 22 -12.87 -0.99 8.72
C GLN A 22 -13.99 -0.10 9.24
N PHE A 1 7.86 7.62 -12.42
CA PHE A 1 7.51 6.50 -11.52
C PHE A 1 8.77 5.88 -10.94
N VAL A 2 8.71 5.45 -9.67
CA VAL A 2 9.75 4.70 -9.00
C VAL A 2 9.05 3.63 -8.15
N PRO A 3 9.47 2.35 -8.18
CA PRO A 3 8.93 1.32 -7.32
C PRO A 3 9.50 1.49 -5.90
N ILE A 4 9.20 2.62 -5.27
CA ILE A 4 9.83 3.10 -4.03
C ILE A 4 9.99 2.03 -2.97
N PHE A 5 8.88 1.40 -2.62
CA PHE A 5 8.85 0.23 -1.77
C PHE A 5 8.11 -0.87 -2.53
N THR A 6 8.23 -0.82 -3.87
CA THR A 6 7.40 -1.60 -4.79
C THR A 6 5.95 -1.11 -4.65
N TYR A 7 5.51 -0.26 -5.58
CA TYR A 7 4.24 0.44 -5.47
C TYR A 7 3.06 -0.49 -5.14
N GLY A 8 3.03 -1.67 -5.75
CA GLY A 8 2.03 -2.68 -5.45
C GLY A 8 1.99 -3.03 -3.96
N GLU A 9 3.17 -3.22 -3.36
CA GLU A 9 3.28 -3.54 -1.94
C GLU A 9 2.80 -2.35 -1.12
N LEU A 10 3.23 -1.13 -1.49
CA LEU A 10 2.77 0.09 -0.83
C LEU A 10 1.23 0.15 -0.85
N GLN A 11 0.65 -0.01 -2.04
CA GLN A 11 -0.79 0.00 -2.24
C GLN A 11 -1.46 -1.04 -1.35
N ARG A 12 -0.93 -2.26 -1.32
CA ARG A 12 -1.46 -3.32 -0.48
C ARG A 12 -1.36 -2.97 1.01
N MET A 13 -0.21 -2.44 1.45
CA MET A 13 -0.04 -1.98 2.82
C MET A 13 -1.10 -0.93 3.15
N GLN A 14 -1.30 0.04 2.24
CA GLN A 14 -2.35 1.04 2.39
C GLN A 14 -3.71 0.37 2.48
N GLU A 15 -3.98 -0.62 1.61
CA GLU A 15 -5.23 -1.36 1.59
C GLU A 15 -5.49 -1.98 2.96
N LYS A 16 -4.50 -2.70 3.49
CA LYS A 16 -4.57 -3.29 4.83
C LYS A 16 -4.83 -2.20 5.87
N GLU A 17 -4.07 -1.11 5.81
CA GLU A 17 -4.20 0.01 6.74
C GLU A 17 -5.65 0.51 6.77
N ARG A 18 -6.20 0.91 5.62
CA ARG A 18 -7.57 1.42 5.59
C ARG A 18 -8.57 0.32 5.94
N ASN A 19 -8.34 -0.91 5.52
CA ASN A 19 -9.21 -2.04 5.83
C ASN A 19 -9.34 -2.23 7.35
N LYS A 20 -8.22 -2.17 8.07
CA LYS A 20 -8.28 -2.15 9.53
C LYS A 20 -8.97 -0.87 10.01
N GLY A 21 -8.52 0.28 9.52
CA GLY A 21 -9.03 1.58 9.91
C GLY A 21 -10.38 1.91 9.28
N GLN A 22 -11.37 1.02 9.43
CA GLN A 22 -12.76 1.29 9.08
C GLN A 22 -13.52 1.72 10.33
N PHE A 1 5.04 6.13 -10.99
CA PHE A 1 5.18 5.62 -9.62
C PHE A 1 6.65 5.54 -9.22
N VAL A 2 6.91 5.43 -7.91
CA VAL A 2 8.24 5.22 -7.35
C VAL A 2 8.21 3.88 -6.59
N PRO A 3 8.94 2.85 -7.04
CA PRO A 3 8.82 1.51 -6.49
C PRO A 3 9.67 1.35 -5.21
N ILE A 4 9.50 2.25 -4.23
CA ILE A 4 10.35 2.36 -3.04
C ILE A 4 10.62 1.01 -2.39
N PHE A 5 9.55 0.29 -2.06
CA PHE A 5 9.61 -1.11 -1.66
C PHE A 5 8.70 -1.92 -2.58
N THR A 6 8.61 -1.49 -3.84
CA THR A 6 7.71 -2.01 -4.86
C THR A 6 6.35 -1.30 -4.75
N TYR A 7 6.00 -0.53 -5.78
CA TYR A 7 4.77 0.24 -5.79
C TYR A 7 3.54 -0.63 -5.49
N GLY A 8 3.52 -1.84 -6.05
CA GLY A 8 2.49 -2.82 -5.76
C GLY A 8 2.32 -3.03 -4.25
N GLU A 9 3.44 -3.14 -3.52
CA GLU A 9 3.42 -3.33 -2.08
C GLU A 9 2.99 -2.04 -1.38
N LEU A 10 3.41 -0.87 -1.88
CA LEU A 10 2.89 0.39 -1.35
C LEU A 10 1.37 0.42 -1.46
N GLN A 11 0.84 0.12 -2.65
CA GLN A 11 -0.60 0.11 -2.89
C GLN A 11 -1.27 -0.91 -1.97
N ARG A 12 -0.72 -2.13 -1.88
CA ARG A 12 -1.19 -3.15 -0.95
C ARG A 12 -1.29 -2.57 0.46
N MET A 13 -0.20 -1.99 0.97
CA MET A 13 -0.18 -1.37 2.29
C MET A 13 -1.31 -0.35 2.40
N GLN A 14 -1.39 0.57 1.43
CA GLN A 14 -2.42 1.59 1.37
C GLN A 14 -3.82 0.98 1.50
N GLU A 15 -4.10 -0.11 0.79
CA GLU A 15 -5.35 -0.84 0.92
C GLU A 15 -5.49 -1.38 2.35
N LYS A 16 -4.47 -2.08 2.85
CA LYS A 16 -4.49 -2.65 4.19
C LYS A 16 -4.81 -1.59 5.25
N GLU A 17 -4.37 -0.34 5.09
CA GLU A 17 -4.78 0.71 6.02
C GLU A 17 -6.30 0.80 6.15
N ARG A 18 -7.07 0.60 5.07
CA ARG A 18 -8.52 0.60 5.15
C ARG A 18 -8.98 -0.59 5.98
N ASN A 19 -8.36 -1.76 5.77
CA ASN A 19 -8.66 -2.96 6.55
C ASN A 19 -8.41 -2.71 8.04
N LYS A 20 -7.28 -2.07 8.38
CA LYS A 20 -6.97 -1.69 9.75
C LYS A 20 -8.04 -0.73 10.28
N GLY A 21 -8.39 0.28 9.48
CA GLY A 21 -9.42 1.25 9.82
C GLY A 21 -10.75 0.57 10.15
N GLN A 22 -11.16 -0.41 9.33
CA GLN A 22 -12.36 -1.19 9.53
C GLN A 22 -12.27 -2.53 8.80
N PHE A 1 6.96 8.07 -11.91
CA PHE A 1 6.90 6.65 -11.52
C PHE A 1 8.17 6.27 -10.74
N VAL A 2 8.01 5.86 -9.48
CA VAL A 2 9.11 5.46 -8.61
C VAL A 2 8.68 4.22 -7.82
N PRO A 3 9.23 3.02 -8.12
CA PRO A 3 8.83 1.79 -7.44
C PRO A 3 9.50 1.71 -6.07
N ILE A 4 9.25 2.69 -5.19
CA ILE A 4 9.91 2.89 -3.91
C ILE A 4 10.09 1.60 -3.13
N PHE A 5 8.97 0.93 -2.89
CA PHE A 5 8.92 -0.38 -2.25
C PHE A 5 8.34 -1.38 -3.23
N THR A 6 8.43 -1.09 -4.54
CA THR A 6 7.71 -1.81 -5.59
C THR A 6 6.20 -1.66 -5.36
N TYR A 7 5.61 -0.64 -5.99
CA TYR A 7 4.24 -0.15 -5.80
C TYR A 7 3.26 -1.16 -5.20
N GLY A 8 3.10 -2.32 -5.82
CA GLY A 8 2.25 -3.40 -5.36
C GLY A 8 2.26 -3.58 -3.83
N GLU A 9 3.44 -3.56 -3.21
CA GLU A 9 3.58 -3.67 -1.77
C GLU A 9 2.88 -2.50 -1.07
N LEU A 10 3.17 -1.27 -1.52
CA LEU A 10 2.57 -0.06 -0.96
C LEU A 10 1.06 -0.13 -1.13
N GLN A 11 0.58 -0.52 -2.31
CA GLN A 11 -0.86 -0.61 -2.55
C GLN A 11 -1.49 -1.65 -1.62
N ARG A 12 -0.87 -2.82 -1.47
CA ARG A 12 -1.34 -3.82 -0.52
C ARG A 12 -1.41 -3.22 0.89
N MET A 13 -0.35 -2.53 1.33
CA MET A 13 -0.35 -1.85 2.62
C MET A 13 -1.53 -0.87 2.73
N GLN A 14 -1.73 0.00 1.74
CA GLN A 14 -2.85 0.93 1.73
C GLN A 14 -4.18 0.18 1.85
N GLU A 15 -4.39 -0.86 1.04
CA GLU A 15 -5.60 -1.68 1.10
C GLU A 15 -5.79 -2.24 2.51
N LYS A 16 -4.75 -2.86 3.08
CA LYS A 16 -4.80 -3.41 4.43
C LYS A 16 -5.20 -2.31 5.43
N GLU A 17 -4.51 -1.17 5.39
CA GLU A 17 -4.79 -0.03 6.25
C GLU A 17 -6.25 0.39 6.12
N ARG A 18 -6.77 0.51 4.89
CA ARG A 18 -8.16 0.86 4.67
C ARG A 18 -9.10 -0.22 5.24
N ASN A 19 -8.81 -1.49 4.98
CA ASN A 19 -9.61 -2.60 5.47
C ASN A 19 -9.67 -2.60 7.00
N LYS A 20 -8.56 -2.24 7.66
CA LYS A 20 -8.57 -2.01 9.10
C LYS A 20 -9.45 -0.80 9.42
N GLY A 21 -9.13 0.35 8.83
CA GLY A 21 -9.76 1.64 9.08
C GLY A 21 -11.13 1.75 8.42
N GLN A 22 -12.05 0.89 8.83
CA GLN A 22 -13.45 0.89 8.40
C GLN A 22 -14.11 2.23 8.75
N PHE A 1 2.45 5.84 -9.41
CA PHE A 1 3.47 4.77 -9.39
C PHE A 1 4.77 5.32 -8.77
N VAL A 2 5.24 4.70 -7.68
CA VAL A 2 6.48 5.10 -7.01
C VAL A 2 7.26 3.84 -6.64
N PRO A 3 8.41 3.56 -7.29
CA PRO A 3 9.23 2.40 -6.96
C PRO A 3 10.10 2.74 -5.75
N ILE A 4 9.76 2.14 -4.60
CA ILE A 4 10.49 2.31 -3.35
C ILE A 4 10.83 0.95 -2.75
N PHE A 5 9.82 0.25 -2.24
CA PHE A 5 9.91 -1.14 -1.84
C PHE A 5 8.98 -1.96 -2.74
N THR A 6 8.86 -1.53 -4.00
CA THR A 6 7.92 -2.02 -4.99
C THR A 6 6.58 -1.31 -4.81
N TYR A 7 6.20 -0.48 -5.78
CA TYR A 7 4.94 0.27 -5.77
C TYR A 7 3.76 -0.62 -5.35
N GLY A 8 3.66 -1.79 -5.96
CA GLY A 8 2.62 -2.78 -5.65
C GLY A 8 2.53 -3.06 -4.15
N GLU A 9 3.67 -3.22 -3.48
CA GLU A 9 3.71 -3.50 -2.05
C GLU A 9 3.28 -2.29 -1.24
N LEU A 10 3.71 -1.08 -1.64
CA LEU A 10 3.19 0.13 -1.01
C LEU A 10 1.68 0.19 -1.15
N GLN A 11 1.16 -0.02 -2.36
CA GLN A 11 -0.26 0.08 -2.63
C GLN A 11 -1.01 -0.96 -1.79
N ARG A 12 -0.55 -2.21 -1.80
CA ARG A 12 -1.04 -3.26 -0.92
C ARG A 12 -1.10 -2.77 0.53
N MET A 13 0.02 -2.24 1.04
CA MET A 13 0.09 -1.71 2.38
C MET A 13 -1.01 -0.66 2.60
N GLN A 14 -1.15 0.30 1.69
CA GLN A 14 -2.26 1.26 1.76
C GLN A 14 -3.60 0.53 1.89
N GLU A 15 -3.87 -0.47 1.03
CA GLU A 15 -5.11 -1.23 1.13
C GLU A 15 -5.29 -1.82 2.52
N LYS A 16 -4.25 -2.46 3.07
CA LYS A 16 -4.31 -2.99 4.43
C LYS A 16 -4.68 -1.89 5.43
N GLU A 17 -4.01 -0.74 5.35
CA GLU A 17 -4.30 0.40 6.21
C GLU A 17 -5.77 0.82 6.09
N ARG A 18 -6.28 0.99 4.87
CA ARG A 18 -7.68 1.33 4.68
C ARG A 18 -8.59 0.25 5.28
N ASN A 19 -8.28 -1.02 5.03
CA ASN A 19 -9.08 -2.14 5.52
C ASN A 19 -9.22 -2.10 7.05
N LYS A 20 -8.11 -1.95 7.78
CA LYS A 20 -8.21 -1.83 9.23
C LYS A 20 -8.84 -0.49 9.65
N GLY A 21 -8.47 0.58 8.96
CA GLY A 21 -8.88 1.95 9.27
C GLY A 21 -10.40 2.13 9.20
N GLN A 22 -11.03 1.56 8.16
CA GLN A 22 -12.47 1.64 7.95
C GLN A 22 -12.93 3.10 7.86
N PHE A 1 6.36 3.71 -12.42
CA PHE A 1 6.42 4.20 -11.04
C PHE A 1 7.83 4.08 -10.47
N VAL A 2 8.17 4.91 -9.48
CA VAL A 2 9.39 4.74 -8.70
C VAL A 2 9.12 3.64 -7.68
N PRO A 3 9.90 2.55 -7.63
CA PRO A 3 9.60 1.41 -6.77
C PRO A 3 10.07 1.68 -5.33
N ILE A 4 9.62 2.80 -4.73
CA ILE A 4 10.11 3.28 -3.44
C ILE A 4 10.19 2.20 -2.38
N PHE A 5 9.08 1.49 -2.19
CA PHE A 5 8.99 0.27 -1.40
C PHE A 5 8.33 -0.78 -2.29
N THR A 6 8.61 -0.69 -3.60
CA THR A 6 7.91 -1.43 -4.65
C THR A 6 6.42 -1.02 -4.65
N TYR A 7 6.06 -0.11 -5.57
CA TYR A 7 4.77 0.56 -5.59
C TYR A 7 3.59 -0.38 -5.35
N GLY A 8 3.59 -1.55 -5.99
CA GLY A 8 2.54 -2.55 -5.80
C GLY A 8 2.32 -2.85 -4.31
N GLU A 9 3.40 -3.15 -3.59
CA GLU A 9 3.34 -3.47 -2.17
C GLU A 9 2.86 -2.25 -1.40
N LEU A 10 3.44 -1.07 -1.68
CA LEU A 10 3.05 0.17 -1.04
C LEU A 10 1.54 0.39 -1.18
N GLN A 11 1.03 0.35 -2.41
CA GLN A 11 -0.37 0.57 -2.71
C GLN A 11 -1.22 -0.46 -1.94
N ARG A 12 -0.85 -1.74 -2.02
CA ARG A 12 -1.55 -2.77 -1.26
C ARG A 12 -1.50 -2.50 0.25
N MET A 13 -0.39 -1.95 0.77
CA MET A 13 -0.33 -1.55 2.16
C MET A 13 -1.36 -0.45 2.44
N GLN A 14 -1.55 0.52 1.54
CA GLN A 14 -2.64 1.48 1.70
C GLN A 14 -3.97 0.74 1.84
N GLU A 15 -4.24 -0.20 0.94
CA GLU A 15 -5.48 -0.97 0.99
C GLU A 15 -5.60 -1.70 2.34
N LYS A 16 -4.51 -2.33 2.80
CA LYS A 16 -4.45 -3.02 4.08
C LYS A 16 -4.83 -2.04 5.20
N GLU A 17 -4.14 -0.90 5.30
CA GLU A 17 -4.40 0.07 6.34
C GLU A 17 -5.82 0.61 6.26
N ARG A 18 -6.35 0.84 5.06
CA ARG A 18 -7.76 1.19 4.92
C ARG A 18 -8.66 0.10 5.48
N ASN A 19 -8.41 -1.16 5.11
CA ASN A 19 -9.21 -2.29 5.60
C ASN A 19 -9.15 -2.36 7.13
N LYS A 20 -7.96 -2.17 7.70
CA LYS A 20 -7.79 -2.06 9.15
C LYS A 20 -8.65 -0.91 9.70
N GLY A 21 -8.55 0.28 9.08
CA GLY A 21 -9.25 1.47 9.50
C GLY A 21 -10.73 1.43 9.10
N GLN A 22 -11.47 0.46 9.62
CA GLN A 22 -12.92 0.34 9.50
C GLN A 22 -13.51 0.14 10.90
N PHE A 1 6.31 5.86 -12.10
CA PHE A 1 6.53 5.95 -10.65
C PHE A 1 7.90 5.38 -10.26
N VAL A 2 8.51 5.89 -9.20
CA VAL A 2 9.72 5.31 -8.65
C VAL A 2 9.31 4.01 -7.95
N PRO A 3 9.86 2.85 -8.31
CA PRO A 3 9.39 1.56 -7.80
C PRO A 3 9.96 1.26 -6.41
N ILE A 4 9.86 2.22 -5.47
CA ILE A 4 10.44 2.12 -4.12
C ILE A 4 10.13 0.78 -3.45
N PHE A 5 8.84 0.46 -3.40
CA PHE A 5 8.31 -0.84 -3.00
C PHE A 5 7.44 -1.30 -4.16
N THR A 6 7.92 -1.07 -5.38
CA THR A 6 7.27 -1.46 -6.63
C THR A 6 5.89 -0.79 -6.81
N TYR A 7 5.57 0.21 -5.98
CA TYR A 7 4.27 0.83 -5.81
C TYR A 7 3.24 -0.15 -5.23
N GLY A 8 3.04 -1.27 -5.91
CA GLY A 8 2.08 -2.32 -5.56
C GLY A 8 2.12 -2.66 -4.07
N GLU A 9 3.32 -2.87 -3.50
CA GLU A 9 3.45 -3.24 -2.10
C GLU A 9 2.97 -2.08 -1.21
N LEU A 10 3.28 -0.84 -1.60
CA LEU A 10 2.88 0.34 -0.87
C LEU A 10 1.35 0.45 -0.91
N GLN A 11 0.75 0.29 -2.09
CA GLN A 11 -0.70 0.33 -2.21
C GLN A 11 -1.34 -0.82 -1.42
N ARG A 12 -0.75 -2.01 -1.44
CA ARG A 12 -1.20 -3.12 -0.63
C ARG A 12 -1.16 -2.74 0.87
N MET A 13 -0.07 -2.13 1.32
CA MET A 13 0.04 -1.64 2.69
C MET A 13 -1.09 -0.64 3.00
N GLN A 14 -1.29 0.36 2.13
CA GLN A 14 -2.41 1.29 2.28
C GLN A 14 -3.73 0.53 2.38
N GLU A 15 -3.97 -0.43 1.48
CA GLU A 15 -5.17 -1.24 1.48
C GLU A 15 -5.35 -1.93 2.83
N LYS A 16 -4.29 -2.56 3.35
CA LYS A 16 -4.30 -3.17 4.67
C LYS A 16 -4.75 -2.15 5.72
N GLU A 17 -4.13 -0.96 5.73
CA GLU A 17 -4.54 0.11 6.65
C GLU A 17 -6.03 0.43 6.49
N ARG A 18 -6.49 0.67 5.27
CA ARG A 18 -7.90 0.97 5.00
C ARG A 18 -8.79 -0.14 5.56
N ASN A 19 -8.47 -1.40 5.25
CA ASN A 19 -9.23 -2.55 5.70
C ASN A 19 -9.33 -2.57 7.23
N LYS A 20 -8.20 -2.42 7.92
CA LYS A 20 -8.21 -2.36 9.37
C LYS A 20 -9.01 -1.15 9.87
N GLY A 21 -8.93 -0.02 9.17
CA GLY A 21 -9.74 1.15 9.45
C GLY A 21 -11.23 0.82 9.39
N GLN A 22 -11.67 0.17 8.31
CA GLN A 22 -13.04 -0.28 8.13
C GLN A 22 -13.07 -1.37 7.05
N PHE A 1 5.02 6.40 -11.47
CA PHE A 1 5.29 5.94 -10.10
C PHE A 1 6.77 5.65 -9.89
N VAL A 2 7.21 5.57 -8.63
CA VAL A 2 8.56 5.21 -8.25
C VAL A 2 8.48 3.94 -7.38
N PRO A 3 9.05 2.80 -7.82
CA PRO A 3 8.88 1.52 -7.13
C PRO A 3 9.81 1.41 -5.91
N ILE A 4 9.66 2.33 -4.94
CA ILE A 4 10.57 2.51 -3.82
C ILE A 4 11.01 1.22 -3.15
N PHE A 5 10.04 0.42 -2.76
CA PHE A 5 10.25 -0.97 -2.34
C PHE A 5 9.26 -1.83 -3.11
N THR A 6 9.04 -1.44 -4.37
CA THR A 6 8.01 -1.99 -5.26
C THR A 6 6.68 -1.28 -4.96
N TYR A 7 6.22 -0.46 -5.90
CA TYR A 7 5.03 0.38 -5.73
C TYR A 7 3.82 -0.46 -5.30
N GLY A 8 3.70 -1.67 -5.88
CA GLY A 8 2.68 -2.64 -5.53
C GLY A 8 2.68 -2.97 -4.03
N GLU A 9 3.86 -3.14 -3.41
CA GLU A 9 3.95 -3.42 -1.99
C GLU A 9 3.42 -2.23 -1.20
N LEU A 10 3.81 -1.01 -1.59
CA LEU A 10 3.24 0.19 -1.01
C LEU A 10 1.71 0.15 -1.13
N GLN A 11 1.19 -0.15 -2.33
CA GLN A 11 -0.26 -0.19 -2.52
C GLN A 11 -0.90 -1.23 -1.60
N ARG A 12 -0.27 -2.40 -1.45
CA ARG A 12 -0.76 -3.44 -0.57
C ARG A 12 -0.83 -2.93 0.88
N MET A 13 0.29 -2.43 1.44
CA MET A 13 0.25 -1.98 2.83
C MET A 13 -0.70 -0.80 3.00
N GLN A 14 -0.76 0.10 2.01
CA GLN A 14 -1.72 1.19 1.98
C GLN A 14 -3.15 0.65 2.04
N GLU A 15 -3.46 -0.35 1.21
CA GLU A 15 -4.77 -0.99 1.21
C GLU A 15 -5.07 -1.54 2.60
N LYS A 16 -4.16 -2.30 3.20
CA LYS A 16 -4.35 -2.81 4.56
C LYS A 16 -4.61 -1.66 5.55
N GLU A 17 -3.74 -0.64 5.52
CA GLU A 17 -3.79 0.52 6.38
C GLU A 17 -5.16 1.18 6.32
N ARG A 18 -5.68 1.39 5.10
CA ARG A 18 -7.02 1.90 4.92
C ARG A 18 -8.05 0.90 5.47
N ASN A 19 -7.97 -0.35 5.00
CA ASN A 19 -8.98 -1.38 5.22
C ASN A 19 -9.31 -1.56 6.69
N LYS A 20 -8.31 -1.57 7.57
CA LYS A 20 -8.57 -1.72 9.00
C LYS A 20 -9.52 -0.63 9.54
N GLY A 21 -9.60 0.54 8.88
CA GLY A 21 -10.58 1.57 9.20
C GLY A 21 -11.98 1.13 8.76
N GLN A 22 -12.53 0.11 9.42
CA GLN A 22 -13.86 -0.43 9.17
C GLN A 22 -14.64 -0.54 10.49
N PHE A 1 3.68 4.53 -9.37
CA PHE A 1 4.67 3.77 -10.14
C PHE A 1 5.98 3.57 -9.38
N VAL A 2 6.49 4.65 -8.78
CA VAL A 2 7.79 4.72 -8.12
C VAL A 2 8.12 3.43 -7.34
N PRO A 3 9.05 2.59 -7.82
CA PRO A 3 9.25 1.26 -7.28
C PRO A 3 10.10 1.27 -5.99
N ILE A 4 9.68 2.03 -4.98
CA ILE A 4 10.41 2.14 -3.72
C ILE A 4 10.59 0.78 -3.06
N PHE A 5 9.48 0.09 -2.82
CA PHE A 5 9.44 -1.30 -2.40
C PHE A 5 8.59 -2.07 -3.42
N THR A 6 8.56 -1.58 -4.66
CA THR A 6 7.61 -1.98 -5.69
C THR A 6 6.28 -1.30 -5.34
N TYR A 7 5.88 -0.27 -6.10
CA TYR A 7 4.76 0.60 -5.75
C TYR A 7 3.52 -0.18 -5.32
N GLY A 8 3.19 -1.24 -6.07
CA GLY A 8 2.09 -2.14 -5.77
C GLY A 8 2.04 -2.53 -4.29
N GLU A 9 3.20 -2.82 -3.68
CA GLU A 9 3.27 -3.21 -2.28
C GLU A 9 2.96 -2.03 -1.35
N LEU A 10 3.42 -0.82 -1.70
CA LEU A 10 3.08 0.37 -0.92
C LEU A 10 1.57 0.61 -1.01
N GLN A 11 1.02 0.51 -2.23
CA GLN A 11 -0.42 0.66 -2.43
C GLN A 11 -1.16 -0.39 -1.59
N ARG A 12 -0.75 -1.66 -1.68
CA ARG A 12 -1.27 -2.73 -0.85
C ARG A 12 -1.25 -2.34 0.63
N MET A 13 -0.11 -1.82 1.12
CA MET A 13 0.00 -1.34 2.49
C MET A 13 -1.06 -0.27 2.79
N GLN A 14 -1.22 0.72 1.91
CA GLN A 14 -2.28 1.73 2.04
C GLN A 14 -3.66 1.05 2.16
N GLU A 15 -3.95 0.10 1.26
CA GLU A 15 -5.23 -0.63 1.31
C GLU A 15 -5.38 -1.38 2.64
N LYS A 16 -4.30 -2.00 3.12
CA LYS A 16 -4.31 -2.69 4.41
C LYS A 16 -4.67 -1.70 5.53
N GLU A 17 -3.97 -0.56 5.59
CA GLU A 17 -4.26 0.50 6.55
C GLU A 17 -5.74 0.90 6.46
N ARG A 18 -6.21 1.20 5.25
CA ARG A 18 -7.60 1.57 5.02
C ARG A 18 -8.54 0.48 5.56
N ASN A 19 -8.29 -0.78 5.20
CA ASN A 19 -9.07 -1.92 5.64
C ASN A 19 -9.14 -1.99 7.17
N LYS A 20 -7.99 -1.90 7.84
CA LYS A 20 -7.95 -1.91 9.30
C LYS A 20 -8.68 -0.70 9.89
N GLY A 21 -8.55 0.46 9.25
CA GLY A 21 -9.26 1.66 9.65
C GLY A 21 -10.78 1.48 9.54
N GLN A 22 -11.24 0.89 8.45
CA GLN A 22 -12.65 0.67 8.18
C GLN A 22 -13.29 -0.22 9.26
N PHE A 1 3.36 2.92 -9.82
CA PHE A 1 4.50 2.04 -10.12
C PHE A 1 5.75 2.47 -9.36
N VAL A 2 6.13 3.74 -9.55
CA VAL A 2 7.24 4.47 -8.92
C VAL A 2 8.01 3.64 -7.90
N PRO A 3 9.01 2.84 -8.33
CA PRO A 3 9.63 1.85 -7.47
C PRO A 3 10.51 2.41 -6.34
N ILE A 4 9.88 2.99 -5.30
CA ILE A 4 10.63 3.38 -4.11
C ILE A 4 11.08 2.11 -3.40
N PHE A 5 10.09 1.32 -2.99
CA PHE A 5 10.24 -0.05 -2.51
C PHE A 5 9.35 -0.93 -3.38
N THR A 6 9.05 -0.49 -4.61
CA THR A 6 8.03 -1.05 -5.49
C THR A 6 6.69 -0.46 -5.05
N TYR A 7 6.08 0.46 -5.81
CA TYR A 7 4.86 1.12 -5.35
C TYR A 7 3.79 0.10 -4.92
N GLY A 8 3.70 -1.03 -5.63
CA GLY A 8 2.85 -2.15 -5.27
C GLY A 8 2.87 -2.46 -3.76
N GLU A 9 4.05 -2.42 -3.14
CA GLU A 9 4.19 -2.67 -1.71
C GLU A 9 3.39 -1.62 -0.93
N LEU A 10 3.64 -0.34 -1.21
CA LEU A 10 2.95 0.76 -0.56
C LEU A 10 1.44 0.67 -0.86
N GLN A 11 1.07 0.24 -2.06
CA GLN A 11 -0.33 0.16 -2.44
C GLN A 11 -1.04 -0.91 -1.62
N ARG A 12 -0.42 -2.09 -1.53
CA ARG A 12 -0.89 -3.18 -0.69
C ARG A 12 -1.00 -2.70 0.75
N MET A 13 0.06 -2.06 1.26
CA MET A 13 0.07 -1.54 2.62
C MET A 13 -1.11 -0.60 2.84
N GLN A 14 -1.33 0.37 1.94
CA GLN A 14 -2.48 1.26 2.02
C GLN A 14 -3.79 0.48 2.03
N GLU A 15 -3.96 -0.50 1.12
CA GLU A 15 -5.16 -1.33 1.09
C GLU A 15 -5.40 -1.98 2.46
N LYS A 16 -4.38 -2.65 3.02
CA LYS A 16 -4.53 -3.31 4.31
C LYS A 16 -4.82 -2.29 5.41
N GLU A 17 -4.08 -1.18 5.42
CA GLU A 17 -4.25 -0.12 6.39
C GLU A 17 -5.70 0.36 6.37
N ARG A 18 -6.26 0.65 5.19
CA ARG A 18 -7.64 1.10 5.09
C ARG A 18 -8.62 -0.02 5.42
N ASN A 19 -8.35 -1.26 4.97
CA ASN A 19 -9.20 -2.40 5.27
C ASN A 19 -9.41 -2.55 6.78
N LYS A 20 -8.32 -2.46 7.55
CA LYS A 20 -8.41 -2.46 9.01
C LYS A 20 -9.01 -1.14 9.51
N GLY A 21 -8.33 -0.03 9.19
CA GLY A 21 -8.62 1.29 9.67
C GLY A 21 -9.83 1.90 8.96
N GLN A 22 -11.02 1.35 9.24
CA GLN A 22 -12.30 1.88 8.83
C GLN A 22 -13.37 1.55 9.88
N PHE A 1 5.72 6.49 -10.97
CA PHE A 1 5.27 5.49 -9.96
C PHE A 1 6.38 5.07 -9.01
N VAL A 2 7.65 5.27 -9.41
CA VAL A 2 8.86 5.14 -8.58
C VAL A 2 8.76 3.94 -7.60
N PRO A 3 8.92 2.70 -8.07
CA PRO A 3 8.62 1.50 -7.30
C PRO A 3 9.70 1.16 -6.27
N ILE A 4 9.95 2.07 -5.32
CA ILE A 4 11.04 1.97 -4.35
C ILE A 4 11.11 0.61 -3.65
N PHE A 5 9.99 0.18 -3.09
CA PHE A 5 9.83 -1.14 -2.48
C PHE A 5 8.79 -1.92 -3.27
N THR A 6 8.62 -1.56 -4.55
CA THR A 6 7.51 -1.99 -5.39
C THR A 6 6.31 -1.12 -5.00
N TYR A 7 5.87 -0.22 -5.89
CA TYR A 7 4.74 0.68 -5.63
C TYR A 7 3.54 -0.09 -5.09
N GLY A 8 3.28 -1.24 -5.70
CA GLY A 8 2.27 -2.22 -5.30
C GLY A 8 2.30 -2.55 -3.81
N GLU A 9 3.48 -2.61 -3.19
CA GLU A 9 3.62 -2.89 -1.77
C GLU A 9 2.90 -1.81 -0.98
N LEU A 10 3.21 -0.55 -1.27
CA LEU A 10 2.58 0.56 -0.58
C LEU A 10 1.07 0.57 -0.84
N GLN A 11 0.63 0.14 -2.04
CA GLN A 11 -0.80 0.05 -2.30
C GLN A 11 -1.41 -1.00 -1.36
N ARG A 12 -0.79 -2.17 -1.25
CA ARG A 12 -1.23 -3.22 -0.34
C ARG A 12 -1.26 -2.71 1.10
N MET A 13 -0.21 -2.01 1.54
CA MET A 13 -0.23 -1.35 2.84
C MET A 13 -1.46 -0.45 2.96
N GLN A 14 -1.76 0.35 1.93
CA GLN A 14 -2.95 1.18 1.93
C GLN A 14 -4.22 0.34 2.06
N GLU A 15 -4.32 -0.81 1.38
CA GLU A 15 -5.42 -1.73 1.61
C GLU A 15 -5.52 -2.09 3.10
N LYS A 16 -4.40 -2.48 3.72
CA LYS A 16 -4.40 -2.80 5.14
C LYS A 16 -4.86 -1.60 5.99
N GLU A 17 -4.34 -0.40 5.72
CA GLU A 17 -4.75 0.81 6.40
C GLU A 17 -6.27 0.98 6.31
N ARG A 18 -6.82 0.89 5.10
CA ARG A 18 -8.26 1.03 4.90
C ARG A 18 -9.01 -0.06 5.67
N ASN A 19 -8.53 -1.31 5.60
CA ASN A 19 -9.13 -2.43 6.31
C ASN A 19 -9.16 -2.15 7.81
N LYS A 20 -8.07 -1.60 8.36
CA LYS A 20 -7.97 -1.27 9.78
C LYS A 20 -8.93 -0.13 10.12
N GLY A 21 -8.92 0.94 9.32
CA GLY A 21 -9.79 2.10 9.49
C GLY A 21 -11.04 1.98 8.62
N GLN A 22 -11.73 0.83 8.70
CA GLN A 22 -12.92 0.57 7.89
C GLN A 22 -14.07 1.53 8.23
N PHE A 1 9.30 7.72 -11.87
CA PHE A 1 8.90 6.67 -10.92
C PHE A 1 10.14 5.89 -10.44
N VAL A 2 10.09 5.42 -9.18
CA VAL A 2 11.06 4.49 -8.61
C VAL A 2 10.26 3.45 -7.85
N PRO A 3 10.69 2.17 -7.80
CA PRO A 3 9.91 1.10 -7.21
C PRO A 3 10.01 1.10 -5.67
N ILE A 4 9.76 2.24 -5.02
CA ILE A 4 9.87 2.42 -3.58
C ILE A 4 9.26 1.27 -2.78
N PHE A 5 8.00 0.97 -3.09
CA PHE A 5 7.28 -0.20 -2.61
C PHE A 5 6.74 -0.93 -3.84
N THR A 6 7.51 -0.85 -4.95
CA THR A 6 7.16 -1.35 -6.28
C THR A 6 5.73 -0.99 -6.69
N TYR A 7 5.18 0.12 -6.15
CA TYR A 7 3.80 0.56 -6.22
C TYR A 7 2.86 -0.44 -5.53
N GLY A 8 2.85 -1.67 -6.01
CA GLY A 8 2.01 -2.77 -5.55
C GLY A 8 2.01 -2.91 -4.03
N GLU A 9 3.18 -2.87 -3.38
CA GLU A 9 3.23 -3.02 -1.94
C GLU A 9 2.71 -1.76 -1.23
N LEU A 10 2.82 -0.59 -1.88
CA LEU A 10 2.17 0.62 -1.39
C LEU A 10 0.66 0.39 -1.40
N GLN A 11 0.14 -0.12 -2.54
CA GLN A 11 -1.27 -0.44 -2.66
C GLN A 11 -1.67 -1.43 -1.57
N ARG A 12 -0.90 -2.50 -1.38
CA ARG A 12 -1.17 -3.48 -0.34
C ARG A 12 -1.25 -2.81 1.04
N MET A 13 -0.24 -2.01 1.40
CA MET A 13 -0.21 -1.29 2.66
C MET A 13 -1.47 -0.43 2.79
N GLN A 14 -1.78 0.36 1.76
CA GLN A 14 -2.97 1.19 1.71
C GLN A 14 -4.22 0.36 1.97
N GLU A 15 -4.37 -0.77 1.28
CA GLU A 15 -5.52 -1.66 1.43
C GLU A 15 -5.62 -2.17 2.86
N LYS A 16 -4.51 -2.63 3.44
CA LYS A 16 -4.49 -3.05 4.84
C LYS A 16 -4.92 -1.88 5.74
N GLU A 17 -4.36 -0.68 5.49
CA GLU A 17 -4.67 0.51 6.27
C GLU A 17 -6.17 0.81 6.21
N ARG A 18 -6.79 0.75 5.03
CA ARG A 18 -8.24 0.86 4.89
C ARG A 18 -8.92 -0.22 5.73
N ASN A 19 -8.54 -1.48 5.51
CA ASN A 19 -9.16 -2.64 6.13
C ASN A 19 -9.19 -2.53 7.65
N LYS A 20 -8.09 -2.09 8.26
CA LYS A 20 -8.04 -1.89 9.71
C LYS A 20 -8.73 -0.58 10.12
N GLY A 21 -8.44 0.50 9.40
CA GLY A 21 -8.93 1.84 9.71
C GLY A 21 -10.46 1.90 9.72
N GLN A 22 -11.11 1.30 8.73
CA GLN A 22 -12.57 1.22 8.62
C GLN A 22 -13.18 2.63 8.66
N PHE A 1 6.11 4.56 -12.52
CA PHE A 1 6.58 4.78 -11.14
C PHE A 1 7.96 4.18 -10.92
N VAL A 2 8.72 4.74 -9.97
CA VAL A 2 9.97 4.14 -9.51
C VAL A 2 9.59 3.11 -8.44
N PRO A 3 10.10 1.87 -8.49
CA PRO A 3 9.75 0.83 -7.53
C PRO A 3 10.49 1.05 -6.19
N ILE A 4 10.31 2.23 -5.58
CA ILE A 4 11.09 2.67 -4.44
C ILE A 4 11.16 1.65 -3.30
N PHE A 5 9.98 1.19 -2.88
CA PHE A 5 9.82 0.10 -1.92
C PHE A 5 9.05 -1.00 -2.65
N THR A 6 9.30 -1.14 -3.95
CA THR A 6 8.48 -1.98 -4.82
C THR A 6 7.04 -1.45 -4.75
N TYR A 7 6.87 -0.23 -5.25
CA TYR A 7 5.67 0.61 -5.34
C TYR A 7 4.37 -0.01 -4.85
N GLY A 8 3.97 -1.12 -5.46
CA GLY A 8 2.79 -1.90 -5.10
C GLY A 8 2.60 -2.03 -3.59
N GLU A 9 3.69 -2.23 -2.84
CA GLU A 9 3.65 -2.33 -1.38
C GLU A 9 2.91 -1.15 -0.74
N LEU A 10 3.07 0.07 -1.26
CA LEU A 10 2.36 1.24 -0.75
C LEU A 10 0.85 1.09 -0.96
N GLN A 11 0.45 0.54 -2.11
CA GLN A 11 -0.96 0.30 -2.38
C GLN A 11 -1.47 -0.76 -1.41
N ARG A 12 -0.69 -1.85 -1.25
CA ARG A 12 -1.01 -2.89 -0.29
C ARG A 12 -1.19 -2.32 1.11
N MET A 13 -0.24 -1.50 1.56
CA MET A 13 -0.31 -0.84 2.85
C MET A 13 -1.62 -0.08 2.97
N GLN A 14 -1.93 0.79 2.01
CA GLN A 14 -3.18 1.54 2.01
C GLN A 14 -4.39 0.60 2.10
N GLU A 15 -4.41 -0.49 1.32
CA GLU A 15 -5.48 -1.48 1.38
C GLU A 15 -5.62 -2.04 2.80
N LYS A 16 -4.50 -2.49 3.41
CA LYS A 16 -4.52 -3.02 4.75
C LYS A 16 -5.04 -1.98 5.75
N GLU A 17 -4.50 -0.77 5.71
CA GLU A 17 -4.94 0.31 6.59
C GLU A 17 -6.45 0.57 6.42
N ARG A 18 -6.92 0.66 5.18
CA ARG A 18 -8.34 0.84 4.89
C ARG A 18 -9.14 -0.30 5.52
N ASN A 19 -8.73 -1.55 5.27
CA ASN A 19 -9.42 -2.72 5.81
C ASN A 19 -9.48 -2.66 7.34
N LYS A 20 -8.35 -2.35 8.00
CA LYS A 20 -8.24 -2.39 9.45
C LYS A 20 -8.93 -1.20 10.12
N GLY A 21 -8.78 0.01 9.59
CA GLY A 21 -9.18 1.24 10.22
C GLY A 21 -10.70 1.49 10.16
N GLN A 22 -11.48 0.56 10.68
CA GLN A 22 -12.94 0.61 10.72
C GLN A 22 -13.42 0.09 12.07
N PHE A 1 4.17 6.16 -10.00
CA PHE A 1 4.57 4.79 -9.60
C PHE A 1 6.10 4.69 -9.59
N VAL A 2 6.68 4.65 -8.40
CA VAL A 2 8.13 4.72 -8.21
C VAL A 2 8.69 3.31 -7.95
N PRO A 3 9.75 2.88 -8.65
CA PRO A 3 10.42 1.62 -8.37
C PRO A 3 11.33 1.76 -7.14
N ILE A 4 10.75 2.08 -5.99
CA ILE A 4 11.46 2.06 -4.71
C ILE A 4 11.64 0.60 -4.27
N PHE A 5 10.56 0.03 -3.77
CA PHE A 5 10.41 -1.40 -3.51
C PHE A 5 9.30 -1.89 -4.43
N THR A 6 9.12 -1.19 -5.57
CA THR A 6 7.96 -1.30 -6.45
C THR A 6 6.77 -0.67 -5.71
N TYR A 7 6.41 0.57 -6.04
CA TYR A 7 5.33 1.30 -5.36
C TYR A 7 4.03 0.50 -5.19
N GLY A 8 3.76 -0.45 -6.11
CA GLY A 8 2.68 -1.42 -5.98
C GLY A 8 2.61 -2.05 -4.58
N GLU A 9 3.77 -2.34 -3.97
CA GLU A 9 3.87 -2.82 -2.60
C GLU A 9 3.16 -1.84 -1.65
N LEU A 10 3.46 -0.55 -1.77
CA LEU A 10 2.89 0.46 -0.91
C LEU A 10 1.40 0.65 -1.22
N GLN A 11 1.00 0.57 -2.50
CA GLN A 11 -0.43 0.51 -2.82
C GLN A 11 -1.09 -0.64 -2.05
N ARG A 12 -0.52 -1.85 -2.13
CA ARG A 12 -1.08 -2.99 -1.41
C ARG A 12 -1.17 -2.69 0.09
N MET A 13 -0.08 -2.18 0.68
CA MET A 13 -0.06 -1.81 2.09
C MET A 13 -1.20 -0.83 2.39
N GLN A 14 -1.32 0.24 1.59
CA GLN A 14 -2.38 1.22 1.71
C GLN A 14 -3.75 0.53 1.68
N GLU A 15 -3.97 -0.43 0.77
CA GLU A 15 -5.24 -1.15 0.71
C GLU A 15 -5.53 -1.86 2.04
N LYS A 16 -4.59 -2.68 2.54
CA LYS A 16 -4.84 -3.36 3.81
C LYS A 16 -5.00 -2.36 4.96
N GLU A 17 -4.23 -1.27 4.96
CA GLU A 17 -4.35 -0.22 5.97
C GLU A 17 -5.76 0.38 5.94
N ARG A 18 -6.24 0.71 4.74
CA ARG A 18 -7.60 1.22 4.53
C ARG A 18 -8.59 0.22 5.12
N ASN A 19 -8.47 -1.06 4.75
CA ASN A 19 -9.35 -2.10 5.28
C ASN A 19 -9.27 -2.20 6.81
N LYS A 20 -8.07 -2.09 7.38
CA LYS A 20 -7.90 -2.05 8.83
C LYS A 20 -8.64 -0.84 9.41
N GLY A 21 -8.57 0.31 8.74
CA GLY A 21 -9.28 1.52 9.12
C GLY A 21 -10.79 1.43 8.82
N GLN A 22 -11.46 0.44 9.43
CA GLN A 22 -12.91 0.24 9.37
C GLN A 22 -13.41 -0.07 10.78
N PHE A 1 3.18 6.60 -10.51
CA PHE A 1 4.02 6.17 -9.38
C PHE A 1 5.43 5.80 -9.86
N VAL A 2 6.32 5.48 -8.92
CA VAL A 2 7.65 4.95 -9.17
C VAL A 2 7.83 3.75 -8.23
N PRO A 3 8.61 2.73 -8.60
CA PRO A 3 8.77 1.51 -7.81
C PRO A 3 9.74 1.74 -6.63
N ILE A 4 9.53 2.79 -5.84
CA ILE A 4 10.42 3.22 -4.76
C ILE A 4 10.90 2.07 -3.88
N PHE A 5 9.93 1.31 -3.37
CA PHE A 5 10.16 0.10 -2.59
C PHE A 5 9.54 -1.09 -3.35
N THR A 6 9.38 -0.95 -4.67
CA THR A 6 8.64 -1.82 -5.58
C THR A 6 7.19 -1.33 -5.76
N TYR A 7 6.71 -0.46 -4.85
CA TYR A 7 5.40 0.19 -4.87
C TYR A 7 4.25 -0.76 -4.52
N GLY A 8 4.19 -1.92 -5.16
CA GLY A 8 3.17 -2.93 -4.91
C GLY A 8 2.98 -3.19 -3.42
N GLU A 9 4.09 -3.43 -2.71
CA GLU A 9 4.04 -3.68 -1.27
C GLU A 9 3.47 -2.47 -0.51
N LEU A 10 3.86 -1.25 -0.91
CA LEU A 10 3.37 -0.03 -0.29
C LEU A 10 1.86 0.07 -0.50
N GLN A 11 1.39 -0.19 -1.72
CA GLN A 11 -0.03 -0.23 -2.00
C GLN A 11 -0.75 -1.30 -1.17
N ARG A 12 -0.14 -2.47 -0.97
CA ARG A 12 -0.73 -3.49 -0.12
C ARG A 12 -0.82 -3.02 1.33
N MET A 13 0.27 -2.48 1.88
CA MET A 13 0.25 -1.93 3.24
C MET A 13 -0.81 -0.83 3.36
N GLN A 14 -0.89 0.05 2.36
CA GLN A 14 -1.91 1.07 2.26
C GLN A 14 -3.30 0.44 2.26
N GLU A 15 -3.53 -0.60 1.44
CA GLU A 15 -4.82 -1.28 1.39
C GLU A 15 -5.17 -1.80 2.79
N LYS A 16 -4.24 -2.52 3.42
CA LYS A 16 -4.43 -3.06 4.76
C LYS A 16 -4.75 -1.94 5.74
N GLU A 17 -3.97 -0.86 5.72
CA GLU A 17 -4.18 0.30 6.59
C GLU A 17 -5.60 0.84 6.42
N ARG A 18 -6.01 1.10 5.18
CA ARG A 18 -7.35 1.58 4.88
C ARG A 18 -8.40 0.59 5.40
N ASN A 19 -8.24 -0.70 5.10
CA ASN A 19 -9.15 -1.75 5.52
C ASN A 19 -9.33 -1.75 7.04
N LYS A 20 -8.23 -1.77 7.80
CA LYS A 20 -8.30 -1.75 9.26
C LYS A 20 -8.85 -0.42 9.77
N GLY A 21 -8.50 0.69 9.12
CA GLY A 21 -9.01 2.01 9.44
C GLY A 21 -10.54 2.07 9.30
N GLN A 22 -11.07 1.48 8.22
CA GLN A 22 -12.49 1.45 7.95
C GLN A 22 -13.24 0.75 9.09
N PHE A 1 5.35 3.97 -12.39
CA PHE A 1 5.53 4.36 -10.98
C PHE A 1 7.02 4.36 -10.60
N VAL A 2 7.39 5.16 -9.60
CA VAL A 2 8.71 5.08 -9.00
C VAL A 2 8.67 3.91 -8.01
N PRO A 3 9.56 2.91 -8.11
CA PRO A 3 9.47 1.72 -7.27
C PRO A 3 10.06 1.99 -5.87
N ILE A 4 9.61 3.04 -5.19
CA ILE A 4 10.20 3.55 -3.95
C ILE A 4 10.47 2.45 -2.93
N PHE A 5 9.42 1.69 -2.61
CA PHE A 5 9.49 0.47 -1.83
C PHE A 5 8.86 -0.62 -2.69
N THR A 6 9.09 -0.55 -4.00
CA THR A 6 8.39 -1.38 -4.98
C THR A 6 6.89 -1.10 -4.89
N TYR A 7 6.50 0.11 -5.33
CA TYR A 7 5.18 0.73 -5.30
C TYR A 7 4.03 -0.20 -4.94
N GLY A 8 3.80 -1.22 -5.77
CA GLY A 8 2.74 -2.22 -5.58
C GLY A 8 2.61 -2.66 -4.12
N GLU A 9 3.73 -2.97 -3.47
CA GLU A 9 3.76 -3.40 -2.08
C GLU A 9 3.23 -2.30 -1.16
N LEU A 10 3.66 -1.05 -1.36
CA LEU A 10 3.18 0.08 -0.58
C LEU A 10 1.68 0.27 -0.80
N GLN A 11 1.25 0.20 -2.07
CA GLN A 11 -0.15 0.34 -2.44
C GLN A 11 -0.99 -0.75 -1.77
N ARG A 12 -0.49 -1.99 -1.75
CA ARG A 12 -1.15 -3.09 -1.06
C ARG A 12 -1.18 -2.85 0.45
N MET A 13 -0.05 -2.46 1.04
CA MET A 13 0.03 -2.10 2.45
C MET A 13 -1.05 -1.07 2.78
N GLN A 14 -1.20 -0.03 1.94
CA GLN A 14 -2.27 0.93 2.09
C GLN A 14 -3.64 0.24 2.16
N GLU A 15 -3.93 -0.71 1.26
CA GLU A 15 -5.23 -1.38 1.33
C GLU A 15 -5.36 -2.16 2.63
N LYS A 16 -4.33 -2.93 3.01
CA LYS A 16 -4.33 -3.69 4.26
C LYS A 16 -4.59 -2.76 5.45
N GLU A 17 -3.92 -1.61 5.47
CA GLU A 17 -4.11 -0.60 6.51
C GLU A 17 -5.58 -0.15 6.49
N ARG A 18 -6.07 0.30 5.34
CA ARG A 18 -7.44 0.76 5.17
C ARG A 18 -8.45 -0.30 5.63
N ASN A 19 -8.16 -1.58 5.38
CA ASN A 19 -9.01 -2.68 5.80
C ASN A 19 -9.33 -2.62 7.29
N LYS A 20 -8.39 -2.15 8.13
CA LYS A 20 -8.63 -1.94 9.55
C LYS A 20 -9.01 -0.49 9.83
N GLY A 21 -8.20 0.47 9.37
CA GLY A 21 -8.43 1.89 9.59
C GLY A 21 -9.48 2.43 8.63
N GLN A 22 -10.68 1.83 8.64
CA GLN A 22 -11.75 2.19 7.73
C GLN A 22 -12.23 3.62 7.98
#